data_3IHZ
#
_entry.id   3IHZ
#
_cell.length_a   55.9
_cell.length_b   40.9
_cell.length_c   56.9
_cell.angle_alpha   90.0
_cell.angle_beta   109.5
_cell.angle_gamma   90.0
#
_symmetry.space_group_name_H-M   'P 1 21 1'
#
loop_
_entity.id
_entity.type
_entity.pdbx_description
1 polymer '70 kDa peptidylprolyl isomerase, putative'
2 non-polymer 8-DEETHYL-8-[BUT-3-ENYL]-ASCOMYCIN
3 water water
#
_entity_poly.entity_id   1
_entity_poly.type   'polypeptide(L)'
_entity_poly.pdbx_seq_one_letter_code
;MEQETLEQVHLTEDGGVVKTILRKGEGGEENAPKKGNEVTVHYVGKLESSGKVFDSSRERNVPFKFHLGQGEVIKGWDIC
VASMTKNEKCSVRLDSKYGYGEEGCGESIPGNSVLIFEIELISFRE
;
_entity_poly.pdbx_strand_id   A,B
#
loop_
_chem_comp.id
_chem_comp.type
_chem_comp.name
_chem_comp.formula
FK5 non-polymer 8-DEETHYL-8-[BUT-3-ENYL]-ASCOMYCIN 'C44 H69 N O12'
#
# COMPACT_ATOMS: atom_id res chain seq x y z
N GLU A 4 32.86 -6.91 -11.11
CA GLU A 4 32.69 -5.95 -12.24
C GLU A 4 31.40 -6.27 -12.98
N THR A 5 30.76 -7.37 -12.58
CA THR A 5 29.59 -7.83 -13.31
C THR A 5 28.42 -6.82 -13.26
N LEU A 6 28.09 -6.27 -14.43
CA LEU A 6 26.85 -5.52 -14.57
C LEU A 6 25.85 -6.46 -15.24
N GLU A 7 24.73 -6.73 -14.57
CA GLU A 7 23.68 -7.47 -15.25
C GLU A 7 22.41 -6.64 -15.16
N GLN A 8 22.04 -6.06 -16.29
CA GLN A 8 20.81 -5.25 -16.37
C GLN A 8 19.79 -5.98 -17.22
N VAL A 9 18.77 -6.53 -16.55
CA VAL A 9 17.82 -7.42 -17.20
C VAL A 9 16.63 -6.61 -17.70
N HIS A 10 16.40 -6.62 -19.01
CA HIS A 10 15.27 -5.88 -19.58
C HIS A 10 14.07 -6.77 -19.58
N LEU A 11 13.10 -6.45 -18.72
CA LEU A 11 11.97 -7.36 -18.48
C LEU A 11 10.77 -7.03 -19.32
N THR A 12 10.83 -5.92 -20.04
CA THR A 12 9.77 -5.57 -20.97
C THR A 12 10.37 -5.04 -22.28
N GLU A 13 9.62 -5.12 -23.36
CA GLU A 13 10.10 -4.66 -24.67
CA GLU A 13 10.08 -4.66 -24.67
C GLU A 13 10.24 -3.13 -24.78
N ASP A 14 9.58 -2.40 -23.88
CA ASP A 14 9.57 -0.95 -24.00
C ASP A 14 10.63 -0.26 -23.16
N GLY A 15 11.48 -1.05 -22.51
CA GLY A 15 12.60 -0.50 -21.74
C GLY A 15 12.16 0.01 -20.39
N GLY A 16 10.88 -0.22 -20.07
CA GLY A 16 10.27 0.47 -18.91
C GLY A 16 10.47 -0.24 -17.58
N VAL A 17 10.97 -1.48 -17.64
CA VAL A 17 11.30 -2.22 -16.42
C VAL A 17 12.67 -2.84 -16.62
N VAL A 18 13.69 -2.28 -15.97
CA VAL A 18 15.05 -2.78 -16.16
C VAL A 18 15.58 -3.13 -14.77
N LYS A 19 15.82 -4.40 -14.56
CA LYS A 19 16.28 -4.89 -13.26
C LYS A 19 17.77 -5.08 -13.21
N THR A 20 18.49 -4.28 -12.40
CA THR A 20 19.95 -4.46 -12.26
C THR A 20 20.19 -5.40 -11.09
N ILE A 21 20.96 -6.48 -11.29
CA ILE A 21 21.13 -7.46 -10.23
C ILE A 21 22.29 -7.05 -9.35
N LEU A 22 22.04 -6.89 -8.06
CA LEU A 22 23.07 -6.44 -7.11
C LEU A 22 23.67 -7.63 -6.37
N ARG A 23 22.83 -8.59 -6.03
CA ARG A 23 23.25 -9.87 -5.46
C ARG A 23 22.46 -11.00 -6.10
N LYS A 24 23.14 -12.01 -6.62
CA LYS A 24 22.42 -13.14 -7.21
C LYS A 24 21.66 -13.93 -6.15
N GLY A 25 20.49 -14.44 -6.52
CA GLY A 25 19.71 -15.29 -5.62
C GLY A 25 20.41 -16.63 -5.37
N GLU A 26 19.85 -17.38 -4.43
CA GLU A 26 20.32 -18.73 -4.20
C GLU A 26 20.06 -19.49 -5.50
N GLY A 27 20.91 -20.45 -5.81
CA GLY A 27 20.67 -21.26 -6.98
C GLY A 27 19.50 -22.18 -6.75
N GLY A 28 19.11 -22.91 -7.78
CA GLY A 28 18.00 -23.81 -7.63
C GLY A 28 16.75 -23.08 -8.00
N GLU A 29 16.10 -23.60 -9.03
CA GLU A 29 14.81 -23.10 -9.46
C GLU A 29 13.79 -23.13 -8.33
N GLU A 30 14.00 -24.00 -7.34
CA GLU A 30 13.10 -24.02 -6.17
C GLU A 30 13.11 -22.72 -5.39
N ASN A 31 14.06 -21.85 -5.68
CA ASN A 31 14.13 -20.58 -4.99
C ASN A 31 13.49 -19.44 -5.81
N ALA A 32 12.67 -19.82 -6.80
CA ALA A 32 11.85 -18.86 -7.59
C ALA A 32 10.33 -18.96 -7.37
N PRO A 33 9.71 -17.83 -6.98
CA PRO A 33 8.28 -17.81 -6.72
C PRO A 33 7.43 -17.94 -7.98
N LYS A 34 6.18 -18.38 -7.81
CA LYS A 34 5.21 -18.47 -8.89
C LYS A 34 4.09 -17.47 -8.64
N LYS A 35 3.43 -17.05 -9.71
CA LYS A 35 2.23 -16.22 -9.60
C LYS A 35 1.31 -16.85 -8.56
N GLY A 36 0.75 -16.01 -7.69
CA GLY A 36 -0.15 -16.46 -6.65
C GLY A 36 0.51 -16.73 -5.30
N ASN A 37 1.82 -17.00 -5.31
CA ASN A 37 2.57 -17.19 -4.09
C ASN A 37 2.62 -15.88 -3.32
N GLU A 38 2.55 -15.95 -1.99
CA GLU A 38 2.88 -14.78 -1.16
C GLU A 38 4.39 -14.65 -1.11
N VAL A 39 4.89 -13.46 -1.45
CA VAL A 39 6.31 -13.17 -1.33
C VAL A 39 6.57 -12.18 -0.21
N THR A 40 7.75 -12.25 0.38
CA THR A 40 8.14 -11.30 1.43
C THR A 40 9.42 -10.58 0.99
N VAL A 41 9.40 -9.25 1.02
CA VAL A 41 10.54 -8.46 0.53
C VAL A 41 10.87 -7.31 1.47
N HIS A 42 12.10 -6.79 1.32
CA HIS A 42 12.40 -5.48 1.80
C HIS A 42 12.68 -4.58 0.60
N TYR A 43 12.40 -3.30 0.75
CA TYR A 43 12.60 -2.38 -0.38
C TYR A 43 13.00 -0.99 0.05
N VAL A 44 13.70 -0.30 -0.85
CA VAL A 44 13.96 1.12 -0.68
C VAL A 44 13.57 1.76 -2.00
N GLY A 45 12.65 2.71 -1.94
CA GLY A 45 12.18 3.42 -3.13
C GLY A 45 12.69 4.83 -3.23
N LYS A 46 13.21 5.22 -4.41
CA LYS A 46 13.63 6.61 -4.62
C LYS A 46 13.31 7.12 -6.03
N LEU A 47 13.29 8.43 -6.20
CA LEU A 47 13.02 9.02 -7.50
C LEU A 47 14.32 9.07 -8.29
N GLU A 48 14.28 8.65 -9.54
CA GLU A 48 15.47 8.77 -10.37
C GLU A 48 15.85 10.26 -10.55
N SER A 49 14.84 11.12 -10.73
CA SER A 49 15.10 12.51 -11.10
C SER A 49 15.89 13.26 -10.02
N SER A 50 15.45 13.13 -8.78
CA SER A 50 16.08 13.85 -7.68
C SER A 50 17.04 12.97 -6.91
N GLY A 51 16.97 11.65 -7.10
CA GLY A 51 17.69 10.70 -6.23
C GLY A 51 17.20 10.55 -4.79
N LYS A 52 16.09 11.21 -4.42
CA LYS A 52 15.65 11.23 -3.03
C LYS A 52 14.88 9.96 -2.70
N VAL A 53 15.17 9.34 -1.57
CA VAL A 53 14.37 8.21 -1.07
C VAL A 53 13.01 8.71 -0.62
N PHE A 54 11.96 8.00 -0.98
CA PHE A 54 10.62 8.37 -0.49
C PHE A 54 10.03 7.33 0.47
N ASP A 55 10.63 6.15 0.56
CA ASP A 55 10.14 5.07 1.41
C ASP A 55 11.15 3.94 1.52
N SER A 56 11.24 3.36 2.71
CA SER A 56 12.08 2.21 2.97
C SER A 56 11.41 1.31 4.00
N SER A 57 11.17 0.07 3.62
CA SER A 57 10.60 -0.90 4.52
C SER A 57 11.62 -1.23 5.63
N ARG A 58 12.90 -1.06 5.30
CA ARG A 58 14.01 -1.32 6.23
C ARG A 58 13.98 -0.32 7.38
N GLU A 59 13.79 0.94 7.04
CA GLU A 59 13.74 2.03 8.01
C GLU A 59 12.61 1.85 9.03
N ARG A 60 11.49 1.29 8.60
CA ARG A 60 10.45 1.07 9.58
C ARG A 60 10.47 -0.36 10.13
N ASN A 61 11.40 -1.17 9.64
CA ASN A 61 11.54 -2.55 10.09
C ASN A 61 10.28 -3.40 9.93
N VAL A 62 9.57 -3.26 8.81
CA VAL A 62 8.37 -4.02 8.51
C VAL A 62 8.48 -4.56 7.08
N PRO A 63 8.85 -5.83 6.93
CA PRO A 63 8.94 -6.45 5.61
C PRO A 63 7.60 -6.30 4.92
N PHE A 64 7.60 -6.26 3.59
CA PHE A 64 6.39 -6.09 2.80
C PHE A 64 5.97 -7.42 2.17
N LYS A 65 4.70 -7.79 2.31
CA LYS A 65 4.20 -9.02 1.70
C LYS A 65 3.07 -8.75 0.74
N PHE A 66 3.03 -9.52 -0.34
CA PHE A 66 1.93 -9.46 -1.28
C PHE A 66 1.88 -10.76 -2.06
N HIS A 67 0.75 -11.05 -2.68
CA HIS A 67 0.64 -12.18 -3.59
C HIS A 67 1.09 -11.77 -4.96
N LEU A 68 2.08 -12.49 -5.47
CA LEU A 68 2.74 -12.14 -6.74
C LEU A 68 1.83 -12.25 -7.97
N GLY A 69 1.88 -11.24 -8.84
CA GLY A 69 1.24 -11.36 -10.15
C GLY A 69 -0.26 -11.25 -10.15
N GLN A 70 -0.81 -10.60 -9.13
CA GLN A 70 -2.26 -10.46 -9.01
C GLN A 70 -2.73 -9.02 -8.98
N GLY A 71 -1.86 -8.09 -9.35
CA GLY A 71 -2.24 -6.68 -9.37
C GLY A 71 -2.35 -6.08 -7.99
N GLU A 72 -1.70 -6.68 -7.00
CA GLU A 72 -1.75 -6.15 -5.63
C GLU A 72 -0.78 -5.00 -5.44
N VAL A 73 0.05 -4.79 -6.47
CA VAL A 73 1.09 -3.77 -6.43
C VAL A 73 1.20 -3.12 -7.81
N ILE A 74 1.91 -1.98 -7.89
CA ILE A 74 2.13 -1.35 -9.18
C ILE A 74 2.74 -2.34 -10.16
N LYS A 75 2.38 -2.20 -11.43
CA LYS A 75 2.73 -3.23 -12.42
C LYS A 75 4.21 -3.50 -12.51
N GLY A 76 5.02 -2.45 -12.40
CA GLY A 76 6.50 -2.69 -12.44
C GLY A 76 7.02 -3.66 -11.38
N TRP A 77 6.40 -3.66 -10.22
CA TRP A 77 6.72 -4.58 -9.15
C TRP A 77 6.32 -6.01 -9.45
N ASP A 78 5.12 -6.23 -9.97
CA ASP A 78 4.72 -7.59 -10.32
C ASP A 78 5.71 -8.17 -11.34
N ILE A 79 6.06 -7.36 -12.33
CA ILE A 79 7.00 -7.78 -13.37
C ILE A 79 8.39 -8.06 -12.75
N CYS A 80 8.89 -7.13 -11.96
CA CYS A 80 10.23 -7.33 -11.38
C CYS A 80 10.29 -8.55 -10.48
N VAL A 81 9.36 -8.66 -9.54
CA VAL A 81 9.49 -9.72 -8.54
C VAL A 81 9.30 -11.12 -9.13
N ALA A 82 8.50 -11.24 -10.18
CA ALA A 82 8.30 -12.52 -10.88
C ALA A 82 9.64 -13.02 -11.43
N SER A 83 10.57 -12.11 -11.68
CA SER A 83 11.87 -12.49 -12.29
C SER A 83 12.94 -12.85 -11.27
N MET A 84 12.61 -12.78 -9.97
CA MET A 84 13.63 -12.91 -8.92
C MET A 84 13.68 -14.30 -8.31
N THR A 85 14.78 -14.60 -7.62
CA THR A 85 14.84 -15.86 -6.89
C THR A 85 15.15 -15.54 -5.43
N LYS A 86 14.88 -16.49 -4.52
CA LYS A 86 15.18 -16.28 -3.11
C LYS A 86 16.57 -15.68 -2.84
N ASN A 87 16.57 -14.65 -2.01
CA ASN A 87 17.76 -13.93 -1.57
C ASN A 87 18.36 -12.97 -2.61
N GLU A 88 17.78 -12.96 -3.81
CA GLU A 88 18.21 -11.99 -4.81
C GLU A 88 17.98 -10.56 -4.31
N LYS A 89 18.94 -9.68 -4.59
CA LYS A 89 18.80 -8.26 -4.34
C LYS A 89 19.01 -7.52 -5.65
N CYS A 90 18.05 -6.67 -6.02
CA CYS A 90 18.16 -5.95 -7.29
C CYS A 90 17.85 -4.46 -7.09
N SER A 91 18.14 -3.68 -8.12
CA SER A 91 17.72 -2.29 -8.20
C SER A 91 16.98 -2.22 -9.51
N VAL A 92 15.67 -1.97 -9.46
CA VAL A 92 14.86 -1.93 -10.67
C VAL A 92 14.44 -0.50 -10.99
N ARG A 93 14.61 -0.14 -12.27
CA ARG A 93 14.19 1.16 -12.80
C ARG A 93 12.85 1.01 -13.49
N LEU A 94 11.86 1.75 -12.99
CA LEU A 94 10.53 1.73 -13.57
C LEU A 94 10.14 3.05 -14.21
N ASP A 95 9.85 3.00 -15.50
CA ASP A 95 9.26 4.18 -16.11
CA ASP A 95 9.20 4.13 -16.16
C ASP A 95 7.89 4.44 -15.47
N SER A 96 7.44 5.68 -15.55
CA SER A 96 6.21 6.08 -14.85
C SER A 96 4.99 5.25 -15.25
N LYS A 97 4.97 4.73 -16.46
CA LYS A 97 3.81 3.93 -16.86
C LYS A 97 3.69 2.60 -16.07
N TYR A 98 4.78 2.18 -15.43
CA TYR A 98 4.80 1.00 -14.57
C TYR A 98 4.71 1.37 -13.08
N GLY A 99 4.54 2.67 -12.82
CA GLY A 99 4.45 3.19 -11.46
C GLY A 99 3.19 3.98 -11.30
N TYR A 100 3.35 5.29 -11.07
CA TYR A 100 2.19 6.20 -10.80
C TYR A 100 1.82 7.12 -11.96
N GLY A 101 2.42 6.90 -13.11
CA GLY A 101 2.02 7.63 -14.32
C GLY A 101 2.07 9.15 -14.17
N GLU A 102 1.19 9.84 -14.89
CA GLU A 102 1.13 11.30 -14.85
CA GLU A 102 1.12 11.30 -14.86
C GLU A 102 0.60 11.85 -13.53
N GLU A 103 -0.11 11.01 -12.77
CA GLU A 103 -0.66 11.43 -11.50
C GLU A 103 0.35 11.57 -10.37
N GLY A 104 1.35 10.68 -10.34
CA GLY A 104 2.23 10.56 -9.17
C GLY A 104 1.51 10.07 -7.93
N CYS A 105 2.12 10.25 -6.78
CA CYS A 105 1.49 9.76 -5.56
C CYS A 105 1.96 10.58 -4.38
N GLY A 106 1.05 11.36 -3.82
CA GLY A 106 1.32 12.17 -2.64
C GLY A 106 2.31 13.28 -2.94
N GLU A 107 2.81 13.87 -1.87
CA GLU A 107 3.79 14.94 -1.96
C GLU A 107 5.16 14.49 -2.49
N SER A 108 5.53 13.24 -2.25
CA SER A 108 6.88 12.76 -2.57
C SER A 108 7.11 12.28 -3.99
N ILE A 109 6.04 11.88 -4.69
CA ILE A 109 6.22 11.31 -6.01
C ILE A 109 5.48 12.13 -7.06
N PRO A 110 6.19 12.99 -7.76
CA PRO A 110 5.56 13.79 -8.80
C PRO A 110 5.02 12.93 -9.94
N GLY A 111 4.07 13.50 -10.67
CA GLY A 111 3.68 12.95 -11.95
C GLY A 111 4.88 12.69 -12.86
N ASN A 112 4.77 11.65 -13.67
CA ASN A 112 5.76 11.35 -14.70
C ASN A 112 7.13 11.07 -14.12
N SER A 113 7.15 10.41 -12.96
CA SER A 113 8.43 10.03 -12.30
C SER A 113 8.88 8.63 -12.66
N VAL A 114 10.15 8.50 -13.06
CA VAL A 114 10.82 7.23 -13.06
C VAL A 114 11.16 6.86 -11.61
N LEU A 115 10.87 5.64 -11.20
CA LEU A 115 11.11 5.18 -9.83
C LEU A 115 12.25 4.16 -9.83
N ILE A 116 13.09 4.22 -8.80
CA ILE A 116 14.12 3.21 -8.61
C ILE A 116 13.84 2.49 -7.30
N PHE A 117 13.66 1.18 -7.37
CA PHE A 117 13.48 0.41 -6.13
C PHE A 117 14.58 -0.59 -5.97
N GLU A 118 15.22 -0.52 -4.82
CA GLU A 118 16.05 -1.64 -4.39
C GLU A 118 15.11 -2.67 -3.72
N ILE A 119 15.06 -3.89 -4.23
CA ILE A 119 14.15 -4.91 -3.69
C ILE A 119 14.94 -6.16 -3.36
N GLU A 120 14.69 -6.72 -2.17
CA GLU A 120 15.33 -7.97 -1.77
C GLU A 120 14.25 -8.99 -1.50
N LEU A 121 14.29 -10.09 -2.25
CA LEU A 121 13.31 -11.16 -2.07
C LEU A 121 13.78 -12.07 -0.93
N ILE A 122 13.09 -11.95 0.21
CA ILE A 122 13.51 -12.63 1.45
C ILE A 122 13.02 -14.07 1.48
N SER A 123 11.77 -14.28 1.12
CA SER A 123 11.18 -15.62 1.14
C SER A 123 9.87 -15.56 0.43
N PHE A 124 9.28 -16.73 0.16
CA PHE A 124 7.95 -16.80 -0.38
C PHE A 124 7.28 -18.10 0.03
N ARG A 125 5.97 -18.17 -0.15
CA ARG A 125 5.30 -19.43 0.03
C ARG A 125 4.00 -19.52 -0.75
N GLU A 126 3.41 -20.71 -0.75
CA GLU A 126 2.23 -20.96 -1.55
C GLU A 126 1.01 -20.19 -1.07
N LEU B 6 -29.38 5.15 9.23
CA LEU B 6 -28.30 5.00 10.24
C LEU B 6 -27.73 6.39 10.57
N GLU B 7 -27.35 6.58 11.81
CA GLU B 7 -26.86 7.90 12.20
C GLU B 7 -25.43 8.13 11.74
N GLN B 8 -25.14 9.40 11.41
CA GLN B 8 -23.83 9.82 10.98
C GLN B 8 -23.08 10.25 12.21
N VAL B 9 -21.85 9.79 12.42
CA VAL B 9 -21.06 10.25 13.56
C VAL B 9 -19.92 11.10 13.02
N HIS B 10 -19.95 12.40 13.33
CA HIS B 10 -18.85 13.29 12.91
C HIS B 10 -17.70 13.14 13.88
N LEU B 11 -16.49 12.94 13.36
CA LEU B 11 -15.32 12.66 14.20
C LEU B 11 -14.37 13.86 14.16
N THR B 12 -14.71 14.84 13.35
CA THR B 12 -14.01 16.13 13.39
C THR B 12 -15.02 17.24 13.34
N GLU B 13 -14.60 18.46 13.68
CA GLU B 13 -15.54 19.60 13.65
C GLU B 13 -15.80 20.21 12.27
N ASP B 14 -15.07 19.79 11.26
CA ASP B 14 -15.17 20.36 9.94
C ASP B 14 -15.95 19.50 8.94
N GLY B 15 -16.57 18.41 9.42
CA GLY B 15 -17.35 17.53 8.53
C GLY B 15 -16.48 16.64 7.65
N GLY B 16 -15.17 16.73 7.83
CA GLY B 16 -14.27 16.01 6.90
C GLY B 16 -14.11 14.52 7.20
N VAL B 17 -14.56 14.07 8.37
CA VAL B 17 -14.51 12.64 8.71
C VAL B 17 -15.86 12.29 9.30
N VAL B 18 -16.68 11.53 8.57
CA VAL B 18 -18.03 11.23 9.04
C VAL B 18 -18.22 9.74 8.92
N LYS B 19 -18.49 9.10 10.05
CA LYS B 19 -18.58 7.62 10.16
C LYS B 19 -20.04 7.20 10.25
N THR B 20 -20.45 6.29 9.38
CA THR B 20 -21.75 5.65 9.52
C THR B 20 -21.52 4.24 10.02
N ILE B 21 -22.08 3.90 11.17
CA ILE B 21 -21.91 2.56 11.70
C ILE B 21 -22.88 1.57 11.02
N LEU B 22 -22.35 0.55 10.36
CA LEU B 22 -23.19 -0.44 9.65
C LEU B 22 -23.52 -1.58 10.60
N ARG B 23 -22.51 -2.05 11.32
CA ARG B 23 -22.67 -3.07 12.35
C ARG B 23 -21.97 -2.62 13.64
N LYS B 24 -22.75 -2.34 14.68
CA LYS B 24 -22.17 -1.98 15.98
C LYS B 24 -21.22 -3.06 16.50
N GLY B 25 -20.10 -2.63 17.11
CA GLY B 25 -19.15 -3.58 17.65
C GLY B 25 -19.50 -3.93 19.09
N GLU B 26 -18.56 -4.57 19.78
CA GLU B 26 -18.78 -5.04 21.14
C GLU B 26 -18.69 -3.85 22.10
N GLY B 27 -19.33 -3.96 23.25
CA GLY B 27 -19.26 -2.85 24.18
C GLY B 27 -18.08 -3.01 25.09
N GLY B 28 -17.83 -1.97 25.90
CA GLY B 28 -16.90 -2.07 27.01
C GLY B 28 -15.55 -1.54 26.65
N GLU B 29 -14.86 -0.96 27.62
CA GLU B 29 -13.57 -0.38 27.30
C GLU B 29 -12.50 -1.36 26.87
N GLU B 30 -12.62 -2.63 27.28
CA GLU B 30 -11.61 -3.60 26.91
C GLU B 30 -11.73 -3.93 25.42
N ASN B 31 -12.76 -3.35 24.81
CA ASN B 31 -13.02 -3.59 23.38
C ASN B 31 -12.77 -2.39 22.45
N ALA B 32 -12.22 -1.30 22.97
CA ALA B 32 -11.85 -0.18 22.11
C ALA B 32 -10.33 -0.13 22.10
N PRO B 33 -9.73 0.02 20.93
CA PRO B 33 -8.27 0.04 20.86
C PRO B 33 -7.75 1.40 21.35
N LYS B 34 -6.50 1.41 21.80
CA LYS B 34 -5.88 2.62 22.27
C LYS B 34 -4.68 3.01 21.40
N LYS B 35 -4.30 4.27 21.47
CA LYS B 35 -3.13 4.76 20.78
C LYS B 35 -1.94 3.83 20.97
N GLY B 36 -1.34 3.45 19.85
CA GLY B 36 -0.15 2.57 19.83
C GLY B 36 -0.45 1.08 19.73
N ASN B 37 -1.69 0.67 19.97
CA ASN B 37 -2.05 -0.72 19.79
C ASN B 37 -1.93 -1.12 18.32
N GLU B 38 -1.64 -2.40 18.06
CA GLU B 38 -1.74 -2.93 16.71
C GLU B 38 -3.20 -3.25 16.45
N VAL B 39 -3.74 -2.75 15.35
CA VAL B 39 -5.12 -3.15 15.01
C VAL B 39 -5.10 -4.00 13.73
N THR B 40 -6.09 -4.87 13.60
CA THR B 40 -6.22 -5.69 12.40
C THR B 40 -7.57 -5.35 11.82
N VAL B 41 -7.59 -4.94 10.56
CA VAL B 41 -8.85 -4.61 9.89
C VAL B 41 -9.02 -5.25 8.52
N HIS B 42 -10.28 -5.35 8.06
CA HIS B 42 -10.52 -5.51 6.63
C HIS B 42 -11.13 -4.21 6.12
N TYR B 43 -10.80 -3.81 4.89
CA TYR B 43 -11.35 -2.58 4.34
C TYR B 43 -11.55 -2.64 2.83
N VAL B 44 -12.44 -1.77 2.36
CA VAL B 44 -12.64 -1.57 0.94
C VAL B 44 -12.70 -0.05 0.73
N GLY B 45 -11.81 0.49 -0.10
CA GLY B 45 -11.81 1.93 -0.33
C GLY B 45 -12.28 2.23 -1.73
N LYS B 46 -13.23 3.16 -1.84
CA LYS B 46 -13.70 3.58 -3.14
C LYS B 46 -13.86 5.08 -3.21
N LEU B 47 -13.89 5.62 -4.42
CA LEU B 47 -14.06 7.06 -4.58
C LEU B 47 -15.55 7.38 -4.41
N GLU B 48 -15.86 8.45 -3.69
CA GLU B 48 -17.28 8.81 -3.55
C GLU B 48 -17.84 9.13 -4.93
N SER B 49 -17.07 9.85 -5.74
CA SER B 49 -17.64 10.44 -6.98
C SER B 49 -17.98 9.38 -8.02
N SER B 50 -17.11 8.40 -8.21
CA SER B 50 -17.32 7.39 -9.25
C SER B 50 -17.74 6.03 -8.73
N GLY B 51 -17.55 5.80 -7.42
CA GLY B 51 -17.88 4.51 -6.81
C GLY B 51 -16.84 3.46 -7.09
N LYS B 52 -15.73 3.86 -7.67
CA LYS B 52 -14.76 2.87 -8.08
C LYS B 52 -13.77 2.51 -6.99
N VAL B 53 -13.52 1.23 -6.85
CA VAL B 53 -12.64 0.72 -5.77
C VAL B 53 -11.17 0.94 -6.14
N PHE B 54 -10.42 1.59 -5.26
CA PHE B 54 -9.01 1.83 -5.50
C PHE B 54 -8.09 0.93 -4.65
N ASP B 55 -8.62 0.32 -3.59
CA ASP B 55 -7.77 -0.53 -2.70
C ASP B 55 -8.70 -1.35 -1.82
N SER B 56 -8.41 -2.62 -1.64
CA SER B 56 -9.26 -3.48 -0.83
C SER B 56 -8.44 -4.59 -0.25
N SER B 57 -8.45 -4.71 1.07
CA SER B 57 -7.80 -5.87 1.72
C SER B 57 -8.63 -7.14 1.48
N ARG B 58 -9.95 -6.96 1.27
CA ARG B 58 -10.81 -8.12 1.04
C ARG B 58 -10.45 -8.79 -0.29
N GLU B 59 -10.15 -7.97 -1.29
CA GLU B 59 -9.73 -8.48 -2.59
C GLU B 59 -8.42 -9.25 -2.47
N ARG B 60 -7.52 -8.81 -1.59
CA ARG B 60 -6.26 -9.56 -1.36
C ARG B 60 -6.46 -10.80 -0.50
N ASN B 61 -7.58 -10.88 0.21
CA ASN B 61 -7.92 -12.03 1.06
C ASN B 61 -7.03 -12.12 2.30
N VAL B 62 -6.46 -10.98 2.71
CA VAL B 62 -5.58 -10.92 3.88
C VAL B 62 -5.87 -9.60 4.59
N PRO B 63 -6.14 -9.65 5.91
CA PRO B 63 -6.41 -8.40 6.63
C PRO B 63 -5.18 -7.53 6.74
N PHE B 64 -5.43 -6.25 7.01
CA PHE B 64 -4.35 -5.28 7.12
C PHE B 64 -4.10 -4.90 8.56
N LYS B 65 -2.83 -4.86 8.92
CA LYS B 65 -2.45 -4.47 10.27
C LYS B 65 -1.66 -3.19 10.31
N PHE B 66 -1.92 -2.39 11.33
CA PHE B 66 -1.12 -1.19 11.53
C PHE B 66 -1.17 -0.77 13.00
N HIS B 67 -0.27 0.12 13.41
CA HIS B 67 -0.32 0.63 14.76
C HIS B 67 -1.12 1.93 14.80
N LEU B 68 -2.11 1.97 15.68
CA LEU B 68 -3.03 3.11 15.71
C LEU B 68 -2.40 4.40 16.25
N GLY B 69 -2.70 5.51 15.58
CA GLY B 69 -2.41 6.84 16.11
C GLY B 69 -0.98 7.26 15.87
N GLN B 70 -0.33 6.64 14.91
CA GLN B 70 1.08 6.93 14.60
C GLN B 70 1.30 7.71 13.32
N GLY B 71 0.23 7.99 12.58
CA GLY B 71 0.41 8.51 11.25
C GLY B 71 0.94 7.52 10.23
N GLU B 72 0.80 6.22 10.49
CA GLU B 72 1.20 5.13 9.60
C GLU B 72 0.24 4.98 8.43
N VAL B 73 -0.92 5.65 8.58
CA VAL B 73 -2.00 5.60 7.60
C VAL B 73 -2.52 7.03 7.39
N ILE B 74 -3.43 7.20 6.42
CA ILE B 74 -3.99 8.53 6.19
C ILE B 74 -4.75 8.99 7.43
N LYS B 75 -4.79 10.30 7.62
CA LYS B 75 -5.27 10.88 8.86
C LYS B 75 -6.67 10.39 9.18
N GLY B 76 -7.53 10.34 8.15
CA GLY B 76 -8.90 9.93 8.38
C GLY B 76 -9.01 8.53 8.96
N TRP B 77 -8.04 7.67 8.64
CA TRP B 77 -8.00 6.29 9.16
C TRP B 77 -7.64 6.32 10.66
N ASP B 78 -6.61 7.09 11.04
CA ASP B 78 -6.29 7.14 12.47
C ASP B 78 -7.47 7.63 13.28
N ILE B 79 -8.15 8.64 12.75
CA ILE B 79 -9.28 9.24 13.43
C ILE B 79 -10.43 8.23 13.46
N CYS B 80 -10.71 7.63 12.31
CA CYS B 80 -11.86 6.68 12.28
C CYS B 80 -11.64 5.46 13.20
N VAL B 81 -10.49 4.81 13.07
CA VAL B 81 -10.28 3.56 13.78
C VAL B 81 -10.23 3.82 15.31
N ALA B 82 -9.75 5.00 15.72
CA ALA B 82 -9.73 5.34 17.17
C ALA B 82 -11.15 5.36 17.76
N SER B 83 -12.15 5.60 16.91
CA SER B 83 -13.55 5.62 17.33
C SER B 83 -14.27 4.28 17.35
N MET B 84 -13.63 3.23 16.86
CA MET B 84 -14.30 1.95 16.64
C MET B 84 -14.16 1.04 17.83
N THR B 85 -15.00 0.02 17.88
CA THR B 85 -14.78 -1.04 18.85
C THR B 85 -14.71 -2.39 18.16
N LYS B 86 -14.24 -3.40 18.87
CA LYS B 86 -14.05 -4.72 18.29
C LYS B 86 -15.31 -5.21 17.57
N ASN B 87 -15.11 -5.64 16.33
CA ASN B 87 -16.14 -6.22 15.46
C ASN B 87 -17.00 -5.17 14.80
N GLU B 88 -16.72 -3.89 15.07
CA GLU B 88 -17.51 -2.84 14.41
C GLU B 88 -17.21 -2.86 12.90
N LYS B 89 -18.25 -2.68 12.10
CA LYS B 89 -18.06 -2.40 10.66
C LYS B 89 -18.68 -1.05 10.35
N CYS B 90 -17.91 -0.16 9.74
CA CYS B 90 -18.44 1.16 9.43
C CYS B 90 -18.15 1.56 7.99
N SER B 91 -18.84 2.61 7.54
CA SER B 91 -18.52 3.27 6.26
C SER B 91 -18.14 4.70 6.63
N VAL B 92 -16.92 5.10 6.31
CA VAL B 92 -16.46 6.44 6.68
C VAL B 92 -16.16 7.25 5.41
N ARG B 93 -16.64 8.49 5.40
CA ARG B 93 -16.46 9.41 4.33
C ARG B 93 -15.35 10.39 4.76
N LEU B 94 -14.31 10.42 3.94
CA LEU B 94 -13.14 11.29 4.21
C LEU B 94 -12.97 12.37 3.15
N ASP B 95 -13.04 13.64 3.55
CA ASP B 95 -12.66 14.72 2.64
CA ASP B 95 -12.62 14.75 2.69
C ASP B 95 -11.16 14.51 2.33
N SER B 96 -10.73 15.08 1.19
CA SER B 96 -9.36 14.82 0.72
C SER B 96 -8.32 15.31 1.71
N LYS B 97 -8.70 16.29 2.54
CA LYS B 97 -7.83 16.78 3.57
C LYS B 97 -7.38 15.69 4.58
N TYR B 98 -8.17 14.63 4.69
CA TYR B 98 -7.94 13.53 5.63
C TYR B 98 -7.58 12.27 4.83
N GLY B 99 -7.30 12.48 3.56
CA GLY B 99 -6.99 11.41 2.62
C GLY B 99 -5.69 11.70 1.93
N TYR B 100 -5.76 11.81 0.59
CA TYR B 100 -4.54 12.02 -0.22
C TYR B 100 -4.41 13.45 -0.73
N GLY B 101 -5.27 14.34 -0.25
CA GLY B 101 -5.07 15.76 -0.48
C GLY B 101 -5.11 16.14 -1.94
N GLU B 102 -4.36 17.20 -2.29
CA GLU B 102 -4.42 17.72 -3.63
C GLU B 102 -3.72 16.83 -4.61
N GLU B 103 -2.72 16.08 -4.14
CA GLU B 103 -1.93 15.21 -5.01
C GLU B 103 -2.65 13.94 -5.44
N GLY B 104 -3.43 13.34 -4.55
CA GLY B 104 -3.99 12.01 -4.83
C GLY B 104 -2.89 10.97 -4.92
N CYS B 105 -3.19 9.83 -5.52
CA CYS B 105 -2.18 8.78 -5.66
C CYS B 105 -2.61 7.87 -6.79
N GLY B 106 -1.99 8.04 -7.97
CA GLY B 106 -2.34 7.22 -9.13
C GLY B 106 -3.68 7.66 -9.70
N GLU B 107 -4.03 7.13 -10.87
CA GLU B 107 -5.25 7.55 -11.51
C GLU B 107 -6.45 7.20 -10.64
N SER B 108 -6.34 6.10 -9.88
CA SER B 108 -7.54 5.65 -9.13
C SER B 108 -7.82 6.47 -7.88
N ILE B 109 -6.89 7.32 -7.45
CA ILE B 109 -7.20 8.29 -6.37
C ILE B 109 -6.83 9.68 -6.88
N PRO B 110 -7.78 10.35 -7.54
CA PRO B 110 -7.49 11.68 -8.08
C PRO B 110 -7.24 12.70 -6.99
N GLY B 111 -6.52 13.77 -7.32
CA GLY B 111 -6.40 14.88 -6.37
C GLY B 111 -7.77 15.39 -5.92
N ASN B 112 -7.85 15.79 -4.67
CA ASN B 112 -9.03 16.40 -4.04
C ASN B 112 -10.23 15.48 -3.95
N SER B 113 -9.98 14.17 -4.04
CA SER B 113 -11.07 13.16 -3.99
C SER B 113 -11.61 12.89 -2.59
N VAL B 114 -12.94 12.87 -2.46
CA VAL B 114 -13.54 12.32 -1.25
C VAL B 114 -13.46 10.79 -1.34
N LEU B 115 -13.00 10.15 -0.26
CA LEU B 115 -12.85 8.70 -0.22
C LEU B 115 -13.92 8.13 0.70
N ILE B 116 -14.42 6.95 0.34
CA ILE B 116 -15.32 6.21 1.20
C ILE B 116 -14.67 4.87 1.53
N PHE B 117 -14.44 4.59 2.81
CA PHE B 117 -13.89 3.28 3.19
C PHE B 117 -14.88 2.51 4.03
N GLU B 118 -15.14 1.26 3.67
CA GLU B 118 -15.80 0.38 4.59
C GLU B 118 -14.71 -0.30 5.41
N ILE B 119 -14.73 -0.10 6.73
CA ILE B 119 -13.66 -0.63 7.58
C ILE B 119 -14.29 -1.55 8.63
N GLU B 120 -13.71 -2.76 8.76
CA GLU B 120 -14.16 -3.71 9.80
C GLU B 120 -12.99 -3.89 10.78
N LEU B 121 -13.20 -3.54 12.06
CA LEU B 121 -12.17 -3.75 13.10
C LEU B 121 -12.29 -5.17 13.59
N ILE B 122 -11.32 -5.98 13.21
CA ILE B 122 -11.38 -7.43 13.48
C ILE B 122 -10.89 -7.73 14.88
N SER B 123 -9.73 -7.18 15.23
CA SER B 123 -9.12 -7.44 16.54
C SER B 123 -8.08 -6.37 16.79
N PHE B 124 -7.58 -6.26 18.04
CA PHE B 124 -6.39 -5.47 18.28
C PHE B 124 -5.63 -6.07 19.45
N ARG B 125 -4.38 -5.66 19.60
CA ARG B 125 -3.53 -6.12 20.70
C ARG B 125 -2.58 -4.99 21.09
N GLU B 126 -1.92 -5.09 22.25
CA GLU B 126 -0.96 -4.05 22.61
C GLU B 126 0.22 -3.82 21.62
C1 FK5 C . 2.70 -0.17 -4.23
C2 FK5 C . 4.18 0.03 -4.30
C3 FK5 C . 4.87 -1.34 -4.50
C4 FK5 C . 4.99 -2.20 -3.23
C5 FK5 C . 5.54 -1.36 -2.09
C6 FK5 C . 4.73 -0.07 -1.82
C8 FK5 C . 5.17 1.92 -3.17
C9 FK5 C . 5.71 2.65 -2.13
C10 FK5 C . 4.84 3.47 -1.21
C11 FK5 C . 3.70 4.16 -1.93
C12 FK5 C . 2.70 4.68 -0.89
C13 FK5 C . 2.26 3.58 0.07
C14 FK5 C . 3.51 3.02 0.74
C15 FK5 C . 3.26 1.88 1.74
C16 FK5 C . 2.30 0.80 1.26
C17 FK5 C . 2.30 -0.50 2.11
C18 FK5 C . 1.29 -0.39 3.24
C19 FK5 C . -0.11 -0.62 2.71
C20 FK5 C . -0.99 0.53 2.45
C21 FK5 C . -2.33 0.37 1.82
C22 FK5 C . -2.13 0.44 0.35
C23 FK5 C . -1.99 -0.81 -0.48
C24 FK5 C . -1.46 -0.57 -1.87
C25 FK5 C . 0.06 -0.29 -1.96
C26 FK5 C . 0.57 0.03 -3.38
C27 FK5 C . -0.05 1.32 -3.85
C28 FK5 C . -0.93 1.26 -5.03
C29 FK5 C . -1.62 2.48 -5.60
C30 FK5 C . -1.62 2.36 -7.15
C31 FK5 C . -2.35 3.54 -7.75
C32 FK5 C . -3.78 3.63 -7.24
C33 FK5 C . -3.78 3.73 -5.72
C34 FK5 C . -3.08 2.51 -5.12
C35 FK5 C . 4.17 5.32 -2.84
C36 FK5 C . 3.64 -0.87 2.73
C37 FK5 C . -0.58 -2.02 2.45
C38 FK5 C . -3.20 1.52 2.30
C39 FK5 C . -3.46 1.32 3.79
C40 FK5 C . -4.80 1.50 4.37
C41 FK5 C . 0.88 -1.48 -1.40
C42 FK5 C . 0.23 2.65 -3.14
C43 FK5 C . 0.10 4.43 0.50
C44 FK5 C . 3.90 2.93 3.72
C45 FK5 C . -1.14 3.51 -9.78
N7 FK5 C . 4.68 0.68 -3.08
O1 FK5 C . 1.98 0.30 -3.30
O2 FK5 C . 2.13 -0.95 -5.20
O3 FK5 C . 5.21 2.52 -4.39
O4 FK5 C . 7.07 2.70 -1.99
O5 FK5 C . 4.35 2.53 -0.29
O6 FK5 C . 5.65 4.47 -0.57
O7 FK5 C . 1.36 4.10 1.06
O8 FK5 C . 2.82 2.38 2.99
O9 FK5 C . -2.05 1.68 -0.22
O10 FK5 C . -1.75 -1.70 -2.66
O11 FK5 C . -2.43 3.38 -9.15
O12 FK5 C . -4.40 4.77 -7.81
#